data_3MDC
#
_entry.id   3MDC
#
_cell.length_a   55.206
_cell.length_b   59.773
_cell.length_c   142.008
_cell.angle_alpha   90.00
_cell.angle_beta   90.00
_cell.angle_gamma   90.00
#
_symmetry.space_group_name_H-M   'P 21 21 21'
#
loop_
_entity.id
_entity.type
_entity.pdbx_description
1 polymer 'DNA polymerase lambda'
2 polymer "DNA (5'-D(*CP*GP*GP*CP*GP*GP*TP*AP*CP*TP*G)-3')"
3 polymer "DNA (5'-D(*CP*AP*GP*TP*AP*C)-3')"
4 polymer "DNA (5'-D(P*GP*CP*CP*G)-3')"
5 non-polymer "2'-deoxy-2',2'-difluorocytidine 5'-(tetrahydrogen triphosphate)"
6 non-polymer 'SODIUM ION'
7 non-polymer 'MAGNESIUM ION'
8 water water
#
loop_
_entity_poly.entity_id
_entity_poly.type
_entity_poly.pdbx_seq_one_letter_code
_entity_poly.pdbx_strand_id
1 'polypeptide(L)'
;AHNLHITEKLEVLAKAYSVQGDKWRALGYAKAINALKSFHKPVTSYQEACSIPGIGKRMAEKIIEILESGHLRKLDHISE
SVPVLELFSNIWGAGTKTAQMWYQQGFRSLEDIRSQASLTTQQAIGLKHYSDFLERMPREEATEIEQTVQKAAQAFNSGL
LCVACGSYRRGKATCGDVDVLITHPDGRSHRGIFSRLLDSLRQEGFLTDDLVSQEENGQQQKYLGVCRLPGPGRRHRRLD
IIVVPYSEFACALLYFTGSAHFNRSMRALAKTKGMSLSEHALSTAVVRNTHGCKVGPGRVLPTPTEKDVFRLLGLPYREP
AERDW
;
A
2 'polydeoxyribonucleotide' (DC)(DG)(DG)(DC)(DG)(DG)(DT)(DA)(DC)(DT)(DG) T
3 'polydeoxyribonucleotide' (DC)(DA)(DG)(DT)(DA)(DC) P
4 'polydeoxyribonucleotide' (DG)(DC)(DC)(DG) D
#
# COMPACT_ATOMS: atom_id res chain seq x y z
N LEU A 4 -15.32 -9.41 -16.80
CA LEU A 4 -16.14 -10.35 -16.04
C LEU A 4 -16.11 -11.75 -16.65
N HIS A 5 -16.96 -12.63 -16.12
CA HIS A 5 -17.00 -14.04 -16.51
C HIS A 5 -15.82 -14.80 -15.94
N ILE A 6 -15.07 -15.49 -16.80
CA ILE A 6 -13.89 -16.24 -16.38
C ILE A 6 -13.08 -15.54 -15.28
N THR A 7 -12.98 -14.21 -15.36
CA THR A 7 -12.27 -13.42 -14.36
C THR A 7 -12.85 -13.48 -12.94
N GLU A 8 -14.17 -13.60 -12.82
CA GLU A 8 -14.83 -13.61 -11.53
C GLU A 8 -14.46 -14.88 -10.73
N LYS A 9 -14.11 -15.95 -11.44
CA LYS A 9 -13.74 -17.21 -10.80
C LYS A 9 -12.23 -17.26 -10.51
N LEU A 10 -11.45 -16.69 -11.43
CA LEU A 10 -10.01 -16.58 -11.23
C LEU A 10 -9.70 -15.69 -10.03
N GLU A 11 -10.58 -14.74 -9.74
CA GLU A 11 -10.32 -13.80 -8.66
C GLU A 11 -10.39 -14.42 -7.27
N VAL A 12 -11.38 -15.27 -7.02
CA VAL A 12 -11.46 -15.93 -5.72
C VAL A 12 -10.24 -16.82 -5.52
N LEU A 13 -9.78 -17.46 -6.58
CA LEU A 13 -8.56 -18.25 -6.51
C LEU A 13 -7.36 -17.37 -6.17
N ALA A 14 -7.23 -16.25 -6.85
CA ALA A 14 -6.10 -15.35 -6.59
C ALA A 14 -6.07 -14.90 -5.13
N LYS A 15 -7.23 -14.60 -4.57
CA LYS A 15 -7.28 -14.15 -3.19
C LYS A 15 -6.98 -15.29 -2.21
N ALA A 16 -7.49 -16.48 -2.50
CA ALA A 16 -7.21 -17.66 -1.69
C ALA A 16 -5.70 -17.88 -1.56
N TYR A 17 -4.99 -17.79 -2.69
CA TYR A 17 -3.55 -17.92 -2.72
C TYR A 17 -2.86 -16.81 -1.93
N SER A 18 -3.32 -15.58 -2.11
CA SER A 18 -2.73 -14.46 -1.42
C SER A 18 -2.83 -14.63 0.11
N VAL A 19 -4.04 -14.89 0.61
CA VAL A 19 -4.25 -14.98 2.05
C VAL A 19 -3.53 -16.19 2.69
N GLN A 20 -3.30 -17.25 1.91
CA GLN A 20 -2.58 -18.41 2.43
C GLN A 20 -1.08 -18.28 2.29
N GLY A 21 -0.62 -17.17 1.72
CA GLY A 21 0.80 -16.89 1.67
C GLY A 21 1.56 -17.30 0.41
N ASP A 22 0.85 -17.74 -0.62
CA ASP A 22 1.48 -18.11 -1.88
C ASP A 22 1.58 -16.87 -2.75
N LYS A 23 2.45 -15.95 -2.38
CA LYS A 23 2.39 -14.63 -2.98
C LYS A 23 2.85 -14.61 -4.44
N TRP A 24 3.78 -15.48 -4.81
CA TRP A 24 4.22 -15.50 -6.21
C TRP A 24 3.12 -15.99 -7.14
N ARG A 25 2.41 -17.05 -6.74
CA ARG A 25 1.32 -17.59 -7.56
C ARG A 25 0.15 -16.61 -7.59
N ALA A 26 -0.13 -15.97 -6.45
CA ALA A 26 -1.15 -14.93 -6.42
C ALA A 26 -0.76 -13.82 -7.40
N LEU A 27 0.53 -13.48 -7.41
CA LEU A 27 1.06 -12.46 -8.30
C LEU A 27 0.75 -12.82 -9.76
N GLY A 28 1.10 -14.05 -10.15
CA GLY A 28 0.79 -14.58 -11.46
C GLY A 28 -0.68 -14.50 -11.80
N TYR A 29 -1.54 -14.85 -10.84
CA TYR A 29 -2.98 -14.77 -11.08
C TYR A 29 -3.39 -13.31 -11.26
N ALA A 30 -2.81 -12.42 -10.45
CA ALA A 30 -3.12 -11.00 -10.60
C ALA A 30 -2.86 -10.51 -12.03
N LYS A 31 -1.64 -10.74 -12.52
CA LYS A 31 -1.27 -10.28 -13.85
C LYS A 31 -2.06 -10.95 -14.99
N ALA A 32 -2.38 -12.24 -14.85
CA ALA A 32 -3.21 -12.93 -15.83
C ALA A 32 -4.62 -12.34 -15.85
N ILE A 33 -5.08 -11.91 -14.68
CA ILE A 33 -6.43 -11.34 -14.57
C ILE A 33 -6.49 -9.96 -15.22
N ASN A 34 -5.42 -9.18 -15.05
CA ASN A 34 -5.33 -7.88 -15.68
C ASN A 34 -5.38 -8.03 -17.20
N ALA A 35 -4.52 -8.90 -17.72
CA ALA A 35 -4.49 -9.18 -19.14
C ALA A 35 -5.85 -9.63 -19.65
N LEU A 36 -6.57 -10.41 -18.84
CA LEU A 36 -7.90 -10.88 -19.21
C LEU A 36 -8.94 -9.77 -19.06
N LYS A 37 -8.55 -8.66 -18.45
CA LYS A 37 -9.46 -7.54 -18.26
C LYS A 37 -9.47 -6.61 -19.48
N SER A 38 -8.31 -6.50 -20.14
CA SER A 38 -8.17 -5.56 -21.25
C SER A 38 -8.00 -6.19 -22.64
N PHE A 39 -8.34 -7.47 -22.77
CA PHE A 39 -8.36 -8.12 -24.09
C PHE A 39 -9.65 -7.75 -24.81
N HIS A 40 -9.51 -7.28 -26.04
CA HIS A 40 -10.61 -6.69 -26.80
C HIS A 40 -11.83 -7.60 -26.99
N LYS A 41 -11.74 -8.86 -26.55
CA LYS A 41 -12.76 -9.82 -26.90
C LYS A 41 -12.80 -11.05 -25.98
N PRO A 42 -13.98 -11.68 -25.87
CA PRO A 42 -14.09 -12.97 -25.20
C PRO A 42 -13.20 -14.01 -25.84
N VAL A 43 -12.11 -14.38 -25.18
CA VAL A 43 -11.30 -15.49 -25.66
C VAL A 43 -12.21 -16.68 -25.89
N THR A 44 -11.84 -17.54 -26.83
CA THR A 44 -12.67 -18.71 -27.15
C THR A 44 -11.83 -19.92 -27.54
N SER A 45 -10.51 -19.75 -27.50
CA SER A 45 -9.59 -20.83 -27.90
C SER A 45 -8.33 -20.86 -27.05
N TYR A 46 -7.81 -22.07 -26.83
CA TYR A 46 -6.56 -22.27 -26.12
C TYR A 46 -5.47 -21.41 -26.78
N GLN A 47 -5.38 -21.51 -28.10
CA GLN A 47 -4.40 -20.75 -28.88
C GLN A 47 -4.53 -19.24 -28.67
N GLU A 48 -5.77 -18.76 -28.67
CA GLU A 48 -6.05 -17.35 -28.44
C GLU A 48 -5.55 -16.91 -27.07
N ALA A 49 -5.97 -17.61 -26.03
CA ALA A 49 -5.59 -17.27 -24.67
C ALA A 49 -4.07 -17.18 -24.56
N CYS A 50 -3.40 -18.25 -24.96
CA CYS A 50 -1.94 -18.31 -24.85
C CYS A 50 -1.24 -17.12 -25.51
N SER A 51 -1.83 -16.57 -26.56
CA SER A 51 -1.17 -15.50 -27.31
C SER A 51 -1.16 -14.20 -26.51
N ILE A 52 -1.80 -14.23 -25.35
CA ILE A 52 -1.95 -13.03 -24.54
C ILE A 52 -0.82 -12.90 -23.53
N PRO A 53 -0.12 -11.76 -23.55
CA PRO A 53 0.93 -11.50 -22.56
C PRO A 53 0.37 -11.53 -21.14
N GLY A 54 0.84 -12.47 -20.32
CA GLY A 54 0.31 -12.63 -18.98
C GLY A 54 -0.48 -13.91 -18.83
N ILE A 55 -0.62 -14.64 -19.92
CA ILE A 55 -1.41 -15.86 -19.94
C ILE A 55 -0.63 -16.99 -20.60
N GLY A 56 -0.17 -17.93 -19.80
CA GLY A 56 0.55 -19.08 -20.31
C GLY A 56 -0.35 -20.29 -20.47
N LYS A 57 0.28 -21.42 -20.78
CA LYS A 57 -0.43 -22.68 -20.95
C LYS A 57 -1.37 -22.98 -19.79
N ARG A 58 -0.85 -22.89 -18.55
CA ARG A 58 -1.62 -23.24 -17.36
C ARG A 58 -2.88 -22.41 -17.21
N MET A 59 -2.73 -21.09 -17.28
CA MET A 59 -3.87 -20.19 -17.14
C MET A 59 -4.83 -20.40 -18.32
N ALA A 60 -4.28 -20.72 -19.48
CA ALA A 60 -5.11 -21.03 -20.65
C ALA A 60 -5.94 -22.30 -20.40
N GLU A 61 -5.28 -23.35 -19.92
CA GLU A 61 -5.97 -24.59 -19.55
C GLU A 61 -7.20 -24.27 -18.72
N LYS A 62 -7.05 -23.30 -17.82
CA LYS A 62 -8.10 -23.01 -16.84
C LYS A 62 -9.19 -22.09 -17.38
N ILE A 63 -8.88 -21.40 -18.48
CA ILE A 63 -9.85 -20.56 -19.15
C ILE A 63 -10.75 -21.40 -20.06
N ILE A 64 -10.17 -22.41 -20.71
CA ILE A 64 -10.93 -23.30 -21.59
C ILE A 64 -11.88 -24.16 -20.77
N GLU A 65 -11.59 -24.32 -19.49
CA GLU A 65 -12.44 -25.08 -18.59
C GLU A 65 -13.65 -24.26 -18.13
N ILE A 66 -13.48 -22.94 -18.07
CA ILE A 66 -14.55 -22.07 -17.57
C ILE A 66 -15.75 -21.94 -18.51
N LEU A 67 -15.60 -21.16 -19.59
CA LEU A 67 -16.72 -20.88 -20.49
C LEU A 67 -17.18 -22.10 -21.30
N GLU A 68 -16.55 -23.24 -21.06
CA GLU A 68 -16.92 -24.50 -21.73
C GLU A 68 -17.79 -25.38 -20.82
N SER A 69 -17.29 -25.66 -19.61
CA SER A 69 -18.03 -26.49 -18.66
C SER A 69 -18.69 -25.63 -17.58
N GLY A 70 -18.53 -24.32 -17.70
CA GLY A 70 -19.13 -23.37 -16.78
C GLY A 70 -18.48 -23.36 -15.41
N HIS A 71 -17.73 -24.41 -15.10
CA HIS A 71 -17.18 -24.59 -13.76
C HIS A 71 -15.65 -24.55 -13.77
N LEU A 72 -15.09 -24.47 -12.57
CA LEU A 72 -13.65 -24.51 -12.38
C LEU A 72 -13.39 -25.35 -11.14
N ARG A 73 -13.06 -26.62 -11.34
CA ARG A 73 -12.93 -27.58 -10.24
C ARG A 73 -12.02 -27.07 -9.11
N LYS A 74 -11.06 -26.22 -9.47
CA LYS A 74 -10.11 -25.65 -8.52
C LYS A 74 -10.80 -24.90 -7.37
N LEU A 75 -11.96 -24.30 -7.64
CA LEU A 75 -12.67 -23.57 -6.61
C LEU A 75 -13.29 -24.51 -5.58
N ASP A 76 -13.42 -25.78 -5.92
CA ASP A 76 -13.95 -26.79 -5.00
C ASP A 76 -12.89 -27.22 -3.99
N HIS A 77 -11.65 -26.90 -4.28
CA HIS A 77 -10.53 -27.30 -3.43
C HIS A 77 -9.96 -26.16 -2.60
N ILE A 78 -10.70 -25.05 -2.49
CA ILE A 78 -10.26 -23.96 -1.63
C ILE A 78 -10.54 -24.27 -0.17
N SER A 79 -9.47 -24.35 0.63
CA SER A 79 -9.60 -24.60 2.06
C SER A 79 -10.66 -23.71 2.70
N GLU A 80 -11.48 -24.33 3.55
CA GLU A 80 -12.51 -23.62 4.28
C GLU A 80 -11.92 -22.64 5.28
N SER A 81 -10.60 -22.68 5.44
CA SER A 81 -9.92 -21.79 6.39
C SER A 81 -9.79 -20.37 5.86
N VAL A 82 -10.00 -20.23 4.55
CA VAL A 82 -9.65 -19.00 3.85
C VAL A 82 -10.38 -17.76 4.40
N PRO A 83 -11.70 -17.86 4.59
CA PRO A 83 -12.44 -16.73 5.17
C PRO A 83 -11.89 -16.32 6.54
N VAL A 84 -11.45 -17.29 7.32
CA VAL A 84 -10.93 -16.99 8.65
C VAL A 84 -9.52 -16.42 8.58
N LEU A 85 -8.72 -16.91 7.65
CA LEU A 85 -7.40 -16.35 7.41
C LEU A 85 -7.49 -14.88 7.03
N GLU A 86 -8.49 -14.56 6.20
CA GLU A 86 -8.71 -13.17 5.76
C GLU A 86 -9.18 -12.29 6.92
N LEU A 87 -10.10 -12.82 7.73
CA LEU A 87 -10.52 -12.12 8.96
C LEU A 87 -9.33 -11.77 9.85
N PHE A 88 -8.49 -12.76 10.15
CA PHE A 88 -7.33 -12.52 11.02
C PHE A 88 -6.35 -11.57 10.35
N SER A 89 -6.16 -11.80 9.06
CA SER A 89 -5.26 -11.04 8.22
C SER A 89 -5.62 -9.57 8.16
N ASN A 90 -6.87 -9.23 8.38
CA ASN A 90 -7.27 -7.84 8.34
C ASN A 90 -6.94 -7.09 9.63
N ILE A 91 -6.33 -7.77 10.58
CA ILE A 91 -5.90 -7.13 11.81
C ILE A 91 -4.58 -6.47 11.54
N TRP A 92 -4.45 -5.17 11.79
CA TRP A 92 -3.19 -4.50 11.48
C TRP A 92 -2.03 -5.15 12.26
N GLY A 93 -0.98 -5.57 11.57
CA GLY A 93 0.17 -6.13 12.25
C GLY A 93 0.19 -7.67 12.25
N ALA A 94 -0.91 -8.28 11.83
CA ALA A 94 -0.95 -9.73 11.62
C ALA A 94 -1.03 -10.05 10.12
N GLY A 95 -0.07 -10.79 9.58
CA GLY A 95 -0.11 -11.16 8.18
C GLY A 95 -0.48 -12.62 8.05
N THR A 96 -0.16 -13.23 6.91
CA THR A 96 -0.50 -14.62 6.62
C THR A 96 0.10 -15.65 7.59
N LYS A 97 1.34 -15.42 8.05
CA LYS A 97 1.97 -16.37 8.96
C LYS A 97 1.24 -16.41 10.29
N THR A 98 0.95 -15.22 10.82
CA THR A 98 0.23 -15.11 12.09
C THR A 98 -1.19 -15.69 12.00
N ALA A 99 -1.90 -15.34 10.93
CA ALA A 99 -3.25 -15.89 10.72
C ALA A 99 -3.25 -17.44 10.64
N GLN A 100 -2.33 -18.00 9.86
CA GLN A 100 -2.23 -19.46 9.76
C GLN A 100 -1.96 -20.09 11.13
N MET A 101 -1.15 -19.42 11.94
CA MET A 101 -0.76 -19.97 13.24
C MET A 101 -1.95 -19.97 14.18
N TRP A 102 -2.63 -18.84 14.26
CA TRP A 102 -3.87 -18.72 15.03
C TRP A 102 -4.90 -19.76 14.61
N TYR A 103 -5.03 -19.97 13.30
CA TYR A 103 -5.97 -20.95 12.78
C TYR A 103 -5.54 -22.37 13.16
N GLN A 104 -4.25 -22.68 13.03
CA GLN A 104 -3.75 -23.98 13.43
C GLN A 104 -4.05 -24.23 14.90
N GLN A 105 -3.90 -23.20 15.73
CA GLN A 105 -4.14 -23.31 17.16
C GLN A 105 -5.63 -23.30 17.52
N GLY A 106 -6.49 -23.27 16.51
CA GLY A 106 -7.92 -23.41 16.74
C GLY A 106 -8.72 -22.13 16.84
N PHE A 107 -8.07 -20.97 16.63
CA PHE A 107 -8.77 -19.69 16.66
C PHE A 107 -9.67 -19.56 15.42
N ARG A 108 -10.91 -19.12 15.62
CA ARG A 108 -11.89 -19.00 14.52
C ARG A 108 -12.58 -17.64 14.43
N SER A 109 -12.49 -16.82 15.48
CA SER A 109 -13.24 -15.57 15.49
C SER A 109 -12.42 -14.50 16.20
N LEU A 110 -12.81 -13.24 16.01
CA LEU A 110 -12.08 -12.14 16.66
C LEU A 110 -12.29 -12.20 18.17
N GLU A 111 -13.39 -12.80 18.59
CA GLU A 111 -13.61 -13.05 20.01
C GLU A 111 -12.60 -14.07 20.53
N ASP A 112 -12.34 -15.12 19.75
CA ASP A 112 -11.27 -16.06 20.06
C ASP A 112 -9.93 -15.31 20.20
N ILE A 113 -9.67 -14.40 19.27
CA ILE A 113 -8.42 -13.65 19.30
C ILE A 113 -8.35 -12.77 20.55
N ARG A 114 -9.38 -11.96 20.76
CA ARG A 114 -9.45 -11.10 21.93
C ARG A 114 -9.14 -11.84 23.25
N SER A 115 -9.74 -13.01 23.44
CA SER A 115 -9.72 -13.69 24.72
C SER A 115 -8.50 -14.58 24.94
N GLN A 116 -7.97 -15.17 23.87
CA GLN A 116 -6.93 -16.20 23.98
C GLN A 116 -5.57 -15.90 23.33
N ALA A 117 -5.53 -15.08 22.29
CA ALA A 117 -4.26 -14.92 21.57
C ALA A 117 -3.31 -14.03 22.36
N SER A 118 -2.01 -14.23 22.16
CA SER A 118 -1.04 -13.26 22.65
C SER A 118 -0.74 -12.31 21.51
N LEU A 119 -1.03 -11.03 21.73
CA LEU A 119 -0.98 -10.03 20.69
C LEU A 119 0.19 -9.12 20.92
N THR A 120 0.85 -8.73 19.84
CA THR A 120 1.80 -7.65 19.88
C THR A 120 1.06 -6.34 20.14
N THR A 121 1.81 -5.33 20.56
CA THR A 121 1.26 -4.00 20.76
C THR A 121 0.55 -3.51 19.50
N GLN A 122 1.14 -3.72 18.33
CA GLN A 122 0.52 -3.29 17.09
C GLN A 122 -0.79 -4.03 16.86
N GLN A 123 -0.75 -5.36 16.96
CA GLN A 123 -1.96 -6.17 16.73
C GLN A 123 -3.10 -5.78 17.69
N ALA A 124 -2.74 -5.46 18.93
CA ALA A 124 -3.74 -5.04 19.91
C ALA A 124 -4.39 -3.73 19.45
N ILE A 125 -3.61 -2.82 18.89
CA ILE A 125 -4.18 -1.58 18.38
C ILE A 125 -5.00 -1.90 17.13
N GLY A 126 -4.46 -2.76 16.28
CA GLY A 126 -5.18 -3.20 15.10
C GLY A 126 -6.53 -3.77 15.46
N LEU A 127 -6.57 -4.63 16.45
CA LEU A 127 -7.83 -5.24 16.87
C LEU A 127 -8.80 -4.20 17.44
N LYS A 128 -8.30 -3.37 18.34
CA LYS A 128 -9.13 -2.33 18.95
C LYS A 128 -9.81 -1.45 17.90
N HIS A 129 -9.17 -1.25 16.75
CA HIS A 129 -9.74 -0.38 15.71
C HIS A 129 -10.10 -1.18 14.46
N TYR A 130 -10.48 -2.44 14.64
CA TYR A 130 -10.67 -3.35 13.50
C TYR A 130 -11.56 -2.76 12.40
N SER A 131 -12.79 -2.39 12.76
CA SER A 131 -13.74 -1.87 11.80
C SER A 131 -13.22 -0.56 11.21
N ASP A 132 -12.75 0.35 12.06
CA ASP A 132 -12.28 1.64 11.56
C ASP A 132 -11.19 1.50 10.49
N PHE A 133 -10.21 0.63 10.74
CA PHE A 133 -9.13 0.43 9.77
C PHE A 133 -9.60 -0.20 8.46
N LEU A 134 -10.87 -0.60 8.39
CA LEU A 134 -11.42 -1.18 7.17
C LEU A 134 -12.28 -0.20 6.38
N GLU A 135 -12.42 1.02 6.91
CA GLU A 135 -13.23 2.03 6.23
C GLU A 135 -12.37 3.07 5.53
N ARG A 136 -12.93 3.69 4.50
CA ARG A 136 -12.29 4.79 3.79
C ARG A 136 -12.89 6.10 4.28
N MET A 137 -12.13 7.17 4.21
CA MET A 137 -12.65 8.48 4.63
C MET A 137 -12.90 9.34 3.39
N PRO A 138 -13.79 10.32 3.50
CA PRO A 138 -13.96 11.24 2.37
C PRO A 138 -12.66 12.01 2.17
N ARG A 139 -12.31 12.35 0.94
CA ARG A 139 -11.05 13.05 0.71
C ARG A 139 -11.05 14.39 1.44
N GLU A 140 -12.24 14.91 1.73
CA GLU A 140 -12.32 16.12 2.51
C GLU A 140 -11.74 15.92 3.91
N GLU A 141 -11.90 14.71 4.45
CA GLU A 141 -11.38 14.44 5.79
C GLU A 141 -9.87 14.29 5.76
N ALA A 142 -9.34 13.71 4.67
CA ALA A 142 -7.91 13.59 4.51
C ALA A 142 -7.27 14.99 4.51
N THR A 143 -7.94 15.92 3.86
CA THR A 143 -7.46 17.32 3.82
C THR A 143 -7.35 17.88 5.24
N GLU A 144 -8.41 17.74 6.04
CA GLU A 144 -8.40 18.22 7.43
C GLU A 144 -7.24 17.62 8.22
N ILE A 145 -7.04 16.31 8.06
CA ILE A 145 -5.98 15.62 8.78
C ILE A 145 -4.59 16.11 8.38
N GLU A 146 -4.35 16.26 7.08
CA GLU A 146 -3.05 16.70 6.58
C GLU A 146 -2.75 18.13 7.04
N GLN A 147 -3.79 18.95 7.11
CA GLN A 147 -3.64 20.34 7.52
C GLN A 147 -3.33 20.42 9.00
N THR A 148 -3.86 19.46 9.76
CA THR A 148 -3.58 19.40 11.18
C THR A 148 -2.11 19.11 11.37
N VAL A 149 -1.59 18.22 10.54
CA VAL A 149 -0.18 17.86 10.65
C VAL A 149 0.70 19.01 10.19
N GLN A 150 0.32 19.63 9.09
CA GLN A 150 1.08 20.74 8.53
C GLN A 150 1.10 21.93 9.49
N LYS A 151 -0.06 22.30 9.99
CA LYS A 151 -0.17 23.42 10.92
C LYS A 151 0.74 23.22 12.14
N ALA A 152 0.78 22.00 12.66
CA ALA A 152 1.64 21.69 13.80
C ALA A 152 3.14 21.67 13.42
N ALA A 153 3.42 21.25 12.20
CA ALA A 153 4.78 21.23 11.71
C ALA A 153 5.28 22.66 11.49
N GLN A 154 4.48 23.45 10.78
CA GLN A 154 4.84 24.82 10.45
C GLN A 154 4.97 25.70 11.69
N ALA A 155 4.51 25.19 12.83
CA ALA A 155 4.61 25.90 14.10
C ALA A 155 6.06 26.10 14.54
N PHE A 156 6.87 25.05 14.46
CA PHE A 156 8.26 25.18 14.88
C PHE A 156 9.22 25.48 13.72
N ASN A 157 8.72 25.43 12.48
CA ASN A 157 9.50 25.83 11.32
C ASN A 157 8.60 26.05 10.11
N SER A 158 8.22 27.30 9.89
CA SER A 158 7.26 27.64 8.85
C SER A 158 7.76 27.28 7.46
N GLY A 159 9.06 26.97 7.35
CA GLY A 159 9.65 26.61 6.08
C GLY A 159 9.35 25.17 5.65
N LEU A 160 8.87 24.36 6.59
CA LEU A 160 8.59 22.95 6.30
C LEU A 160 7.56 22.78 5.18
N LEU A 161 7.89 21.93 4.22
CA LEU A 161 6.94 21.60 3.16
C LEU A 161 6.19 20.32 3.53
N CYS A 162 4.86 20.39 3.55
CA CYS A 162 4.05 19.24 3.88
C CYS A 162 3.13 18.90 2.72
N VAL A 163 3.14 17.64 2.30
CA VAL A 163 2.35 17.23 1.14
C VAL A 163 1.59 15.93 1.37
N ALA A 164 0.27 15.97 1.18
CA ALA A 164 -0.53 14.76 1.22
C ALA A 164 -0.30 13.94 -0.05
N CYS A 165 0.06 12.67 0.15
CA CYS A 165 0.38 11.81 -0.97
C CYS A 165 -0.64 10.68 -1.11
N GLY A 166 -0.18 9.48 -1.49
CA GLY A 166 -1.07 8.34 -1.67
C GLY A 166 -2.33 8.63 -2.49
N SER A 167 -3.41 7.92 -2.17
CA SER A 167 -4.66 8.02 -2.93
C SER A 167 -5.20 9.46 -2.95
N TYR A 168 -4.89 10.20 -1.90
CA TYR A 168 -5.25 11.61 -1.88
C TYR A 168 -4.63 12.35 -3.07
N ARG A 169 -3.31 12.29 -3.21
CA ARG A 169 -2.65 13.01 -4.29
C ARG A 169 -3.01 12.46 -5.67
N ARG A 170 -3.36 11.18 -5.73
CA ARG A 170 -3.85 10.59 -6.99
C ARG A 170 -5.30 11.02 -7.32
N GLY A 171 -5.94 11.77 -6.43
CA GLY A 171 -7.25 12.32 -6.71
C GLY A 171 -8.47 11.48 -6.33
N LYS A 172 -8.28 10.38 -5.61
CA LYS A 172 -9.42 9.50 -5.29
C LYS A 172 -10.44 10.24 -4.43
N ALA A 173 -11.69 9.80 -4.50
CA ALA A 173 -12.80 10.43 -3.75
C ALA A 173 -12.74 10.08 -2.28
N THR A 174 -12.22 8.90 -1.98
CA THR A 174 -12.00 8.45 -0.62
C THR A 174 -10.59 7.88 -0.46
N CYS A 175 -10.12 7.85 0.79
CA CYS A 175 -8.75 7.45 1.08
C CYS A 175 -8.72 6.48 2.27
N GLY A 176 -7.96 5.40 2.13
CA GLY A 176 -7.81 4.44 3.21
C GLY A 176 -7.17 5.08 4.43
N ASP A 177 -6.23 5.99 4.17
CA ASP A 177 -5.61 6.73 5.25
C ASP A 177 -5.01 8.04 4.71
N VAL A 178 -4.22 8.72 5.52
CA VAL A 178 -3.57 9.94 5.08
C VAL A 178 -2.05 9.78 5.12
N ASP A 179 -1.42 10.06 3.98
CA ASP A 179 0.03 9.95 3.81
C ASP A 179 0.63 11.34 3.69
N VAL A 180 1.41 11.76 4.68
CA VAL A 180 1.98 13.11 4.66
C VAL A 180 3.50 13.04 4.49
N LEU A 181 3.99 13.53 3.36
CA LEU A 181 5.41 13.68 3.15
C LEU A 181 5.84 15.05 3.67
N ILE A 182 6.92 15.08 4.43
CA ILE A 182 7.43 16.32 5.00
C ILE A 182 8.89 16.49 4.63
N THR A 183 9.24 17.67 4.09
CA THR A 183 10.64 17.99 3.83
C THR A 183 10.91 19.48 4.09
N HIS A 184 12.16 19.91 3.90
CA HIS A 184 12.52 21.32 4.02
C HIS A 184 13.50 21.75 2.92
N PRO A 185 13.10 22.74 2.12
CA PRO A 185 13.85 23.20 0.95
C PRO A 185 15.33 23.52 1.21
N ASP A 186 15.67 23.91 2.44
CA ASP A 186 17.06 24.26 2.75
C ASP A 186 17.94 23.01 2.88
N GLY A 187 17.33 21.85 2.77
CA GLY A 187 18.06 20.59 2.74
C GLY A 187 18.64 20.08 4.05
N ARG A 188 18.21 20.63 5.19
CA ARG A 188 18.78 20.22 6.47
C ARG A 188 17.85 20.37 7.69
N SER A 189 16.88 21.28 7.61
CA SER A 189 16.02 21.59 8.75
C SER A 189 15.01 20.49 9.05
N HIS A 190 15.00 19.45 8.22
CA HIS A 190 14.10 18.32 8.41
C HIS A 190 14.57 17.43 9.56
N ARG A 191 15.83 17.57 9.94
CA ARG A 191 16.43 16.73 10.97
C ARG A 191 15.85 17.02 12.35
N GLY A 192 15.43 15.95 13.05
CA GLY A 192 14.98 16.04 14.43
C GLY A 192 13.59 16.59 14.62
N ILE A 193 12.82 16.68 13.54
CA ILE A 193 11.50 17.27 13.61
C ILE A 193 10.44 16.30 14.15
N PHE A 194 10.67 15.00 14.00
CA PHE A 194 9.68 14.01 14.44
C PHE A 194 9.30 14.21 15.91
N SER A 195 10.31 14.26 16.79
CA SER A 195 10.05 14.40 18.21
C SER A 195 9.11 15.57 18.50
N ARG A 196 9.49 16.75 18.01
CA ARG A 196 8.71 17.96 18.25
C ARG A 196 7.31 17.83 17.65
N LEU A 197 7.23 17.44 16.39
CA LEU A 197 5.92 17.29 15.73
C LEU A 197 5.02 16.31 16.46
N LEU A 198 5.51 15.09 16.66
CA LEU A 198 4.72 14.05 17.32
C LEU A 198 4.23 14.48 18.71
N ASP A 199 5.11 15.13 19.47
CA ASP A 199 4.74 15.55 20.83
C ASP A 199 3.72 16.66 20.78
N SER A 200 3.85 17.57 19.82
CA SER A 200 2.82 18.58 19.61
C SER A 200 1.48 17.92 19.29
N LEU A 201 1.50 16.89 18.43
CA LEU A 201 0.27 16.21 18.03
C LEU A 201 -0.36 15.40 19.18
N ARG A 202 0.50 14.80 20.00
CA ARG A 202 0.03 14.11 21.20
C ARG A 202 -0.54 15.10 22.20
N GLN A 203 0.19 16.19 22.36
CA GLN A 203 -0.12 17.24 23.31
C GLN A 203 -1.57 17.67 23.17
N GLU A 204 -2.03 17.76 21.93
CA GLU A 204 -3.40 18.20 21.66
C GLU A 204 -4.39 17.05 21.42
N GLY A 205 -4.01 15.86 21.88
CA GLY A 205 -4.88 14.70 21.77
C GLY A 205 -5.33 14.34 20.36
N PHE A 206 -4.56 14.74 19.35
CA PHE A 206 -4.84 14.37 17.97
C PHE A 206 -4.45 12.92 17.71
N LEU A 207 -3.24 12.56 18.12
CA LEU A 207 -2.74 11.19 17.95
C LEU A 207 -3.26 10.30 19.06
N THR A 208 -3.81 9.14 18.69
CA THR A 208 -4.42 8.26 19.67
C THR A 208 -3.62 6.99 19.93
N ASP A 209 -2.95 6.46 18.90
CA ASP A 209 -2.09 5.29 19.04
C ASP A 209 -0.88 5.35 18.11
N ASP A 210 0.23 4.76 18.53
CA ASP A 210 1.42 4.66 17.70
C ASP A 210 1.62 3.22 17.25
N LEU A 211 1.87 3.02 15.96
CA LEU A 211 2.04 1.67 15.42
C LEU A 211 3.51 1.41 15.12
N VAL A 212 4.15 2.39 14.49
CA VAL A 212 5.55 2.27 14.15
C VAL A 212 6.14 3.66 14.32
N SER A 213 7.11 3.79 15.22
CA SER A 213 7.69 5.11 15.51
C SER A 213 8.94 4.96 16.36
N GLN A 214 10.09 4.89 15.68
CA GLN A 214 11.36 4.68 16.35
C GLN A 214 11.92 6.04 16.77
N GLU A 215 11.44 6.56 17.89
CA GLU A 215 11.78 7.93 18.32
C GLU A 215 13.06 8.02 19.14
N GLU A 216 13.69 6.89 19.42
CA GLU A 216 15.00 6.90 20.05
C GLU A 216 16.05 7.01 18.95
N ASN A 217 15.65 6.66 17.74
CA ASN A 217 16.49 6.84 16.56
C ASN A 217 16.37 8.28 16.06
N GLY A 218 17.46 9.04 16.17
CA GLY A 218 17.49 10.39 15.63
C GLY A 218 17.36 10.36 14.12
N GLN A 219 17.49 9.16 13.55
CA GLN A 219 17.37 8.97 12.12
C GLN A 219 16.00 8.41 11.68
N GLN A 220 15.03 8.41 12.58
CA GLN A 220 13.66 8.01 12.22
C GLN A 220 13.23 8.55 10.85
N GLN A 221 12.71 7.65 10.02
CA GLN A 221 12.19 8.07 8.72
C GLN A 221 10.66 8.15 8.66
N LYS A 222 9.97 7.31 9.42
CA LYS A 222 8.55 7.19 9.25
C LYS A 222 7.80 7.11 10.57
N TYR A 223 6.55 7.58 10.55
CA TYR A 223 5.62 7.39 11.65
C TYR A 223 4.37 6.77 11.07
N LEU A 224 3.95 5.64 11.64
CA LEU A 224 2.65 5.05 11.31
C LEU A 224 1.84 4.99 12.59
N GLY A 225 0.63 5.53 12.55
CA GLY A 225 -0.19 5.56 13.74
C GLY A 225 -1.63 5.97 13.49
N VAL A 226 -2.28 6.41 14.55
CA VAL A 226 -3.71 6.59 14.55
C VAL A 226 -4.04 7.96 15.11
N CYS A 227 -5.01 8.61 14.48
CA CYS A 227 -5.47 9.91 14.89
C CYS A 227 -6.99 10.00 14.78
N ARG A 228 -7.57 11.05 15.35
CA ARG A 228 -8.99 11.28 15.24
C ARG A 228 -9.28 12.77 15.41
N LEU A 229 -10.02 13.34 14.48
CA LEU A 229 -10.43 14.74 14.59
C LEU A 229 -11.46 14.87 15.71
N PRO A 230 -11.63 16.08 16.25
CA PRO A 230 -12.56 16.26 17.36
C PRO A 230 -13.99 16.34 16.86
N GLY A 231 -14.94 16.16 17.76
CA GLY A 231 -16.35 16.26 17.43
C GLY A 231 -17.03 14.90 17.31
N PRO A 232 -18.37 14.92 17.22
CA PRO A 232 -19.23 13.74 17.11
C PRO A 232 -19.08 13.12 15.74
N GLY A 233 -19.24 11.80 15.65
CA GLY A 233 -19.26 11.14 14.37
C GLY A 233 -17.90 11.06 13.68
N ARG A 234 -16.82 11.25 14.45
CA ARG A 234 -15.47 11.08 13.91
C ARG A 234 -14.99 9.66 14.14
N ARG A 235 -14.33 9.10 13.14
CA ARG A 235 -13.71 7.79 13.28
C ARG A 235 -12.19 7.89 13.50
N HIS A 236 -11.60 6.86 14.08
CA HIS A 236 -10.15 6.76 14.13
C HIS A 236 -9.59 6.50 12.74
N ARG A 237 -8.57 7.27 12.36
CA ARG A 237 -8.00 7.16 11.01
C ARG A 237 -6.50 6.86 11.06
N ARG A 238 -6.04 6.07 10.09
CA ARG A 238 -4.62 5.75 9.95
CA ARG A 238 -4.62 5.75 9.94
C ARG A 238 -3.86 6.93 9.34
N LEU A 239 -2.72 7.26 9.94
CA LEU A 239 -1.91 8.39 9.52
C LEU A 239 -0.49 7.90 9.35
N ASP A 240 0.11 8.16 8.18
CA ASP A 240 1.49 7.81 7.87
C ASP A 240 2.27 9.09 7.54
N ILE A 241 3.39 9.30 8.20
CA ILE A 241 4.21 10.48 7.96
C ILE A 241 5.62 10.04 7.64
N ILE A 242 6.19 10.56 6.55
CA ILE A 242 7.61 10.35 6.28
C ILE A 242 8.32 11.70 6.24
N VAL A 243 9.53 11.76 6.80
CA VAL A 243 10.33 12.98 6.79
C VAL A 243 11.56 12.70 5.94
N VAL A 244 11.74 13.45 4.86
CA VAL A 244 12.81 13.16 3.90
C VAL A 244 13.73 14.36 3.64
N PRO A 245 15.02 14.10 3.38
CA PRO A 245 15.94 15.16 3.00
C PRO A 245 15.53 15.74 1.65
N TYR A 246 15.59 17.06 1.52
CA TYR A 246 15.18 17.71 0.28
C TYR A 246 15.83 17.09 -0.96
N SER A 247 17.03 16.57 -0.81
CA SER A 247 17.75 15.98 -1.93
C SER A 247 17.03 14.74 -2.49
N GLU A 248 16.21 14.09 -1.65
CA GLU A 248 15.49 12.90 -2.08
C GLU A 248 14.04 13.21 -2.40
N PHE A 249 13.72 14.49 -2.54
CA PHE A 249 12.33 14.93 -2.60
C PHE A 249 11.50 14.30 -3.71
N ALA A 250 12.03 14.27 -4.92
CA ALA A 250 11.29 13.80 -6.07
C ALA A 250 11.03 12.29 -6.01
N CYS A 251 12.04 11.52 -5.61
CA CYS A 251 11.91 10.08 -5.51
C CYS A 251 10.98 9.71 -4.36
N ALA A 252 11.10 10.43 -3.26
CA ALA A 252 10.24 10.20 -2.11
C ALA A 252 8.80 10.56 -2.44
N LEU A 253 8.62 11.69 -3.11
CA LEU A 253 7.29 12.12 -3.53
C LEU A 253 6.66 11.08 -4.47
N LEU A 254 7.47 10.57 -5.39
CA LEU A 254 7.02 9.62 -6.39
C LEU A 254 6.61 8.30 -5.72
N TYR A 255 7.50 7.79 -4.88
CA TYR A 255 7.21 6.61 -4.06
C TYR A 255 5.91 6.73 -3.26
N PHE A 256 5.74 7.82 -2.53
CA PHE A 256 4.64 7.96 -1.58
C PHE A 256 3.31 8.27 -2.29
N THR A 257 3.40 8.60 -3.57
CA THR A 257 2.21 8.90 -4.35
C THR A 257 1.63 7.62 -4.96
N GLY A 258 2.49 6.62 -5.21
CA GLY A 258 2.01 5.35 -5.74
C GLY A 258 1.41 5.48 -7.13
N SER A 259 0.53 4.56 -7.51
CA SER A 259 0.02 3.49 -6.65
C SER A 259 1.10 2.44 -6.39
N ALA A 260 0.79 1.48 -5.54
CA ALA A 260 1.75 0.40 -5.23
C ALA A 260 2.13 -0.34 -6.51
N HIS A 261 1.13 -0.75 -7.30
CA HIS A 261 1.40 -1.47 -8.53
CA HIS A 261 1.39 -1.46 -8.54
C HIS A 261 2.22 -0.59 -9.48
N PHE A 262 1.94 0.71 -9.50
CA PHE A 262 2.72 1.67 -10.29
C PHE A 262 4.18 1.67 -9.87
N ASN A 263 4.45 1.79 -8.56
CA ASN A 263 5.82 1.81 -8.08
C ASN A 263 6.54 0.53 -8.47
N ARG A 264 5.89 -0.61 -8.25
CA ARG A 264 6.48 -1.89 -8.62
C ARG A 264 6.83 -1.94 -10.10
N SER A 265 5.88 -1.58 -10.96
CA SER A 265 6.13 -1.54 -12.41
C SER A 265 7.31 -0.63 -12.76
N MET A 266 7.36 0.55 -12.15
CA MET A 266 8.41 1.52 -12.44
C MET A 266 9.78 1.05 -11.97
N ARG A 267 9.82 0.39 -10.82
CA ARG A 267 11.07 -0.15 -10.32
C ARG A 267 11.51 -1.35 -11.17
N ALA A 268 10.53 -2.10 -11.66
CA ALA A 268 10.81 -3.23 -12.52
C ALA A 268 11.45 -2.74 -13.84
N LEU A 269 10.92 -1.64 -14.38
CA LEU A 269 11.47 -1.03 -15.58
C LEU A 269 12.89 -0.51 -15.35
N ALA A 270 13.08 0.24 -14.27
CA ALA A 270 14.42 0.75 -13.97
C ALA A 270 15.46 -0.36 -14.06
N LYS A 271 15.10 -1.55 -13.56
CA LYS A 271 16.03 -2.67 -13.50
C LYS A 271 16.44 -3.17 -14.89
N THR A 272 15.48 -3.26 -15.80
CA THR A 272 15.78 -3.67 -17.17
C THR A 272 16.70 -2.65 -17.86
N LYS A 273 16.63 -1.41 -17.43
CA LYS A 273 17.42 -0.34 -18.04
C LYS A 273 18.76 -0.15 -17.36
N GLY A 274 19.09 -1.05 -16.43
CA GLY A 274 20.34 -0.99 -15.70
C GLY A 274 20.32 -0.03 -14.52
N MET A 275 19.13 0.29 -14.03
CA MET A 275 18.97 1.25 -12.93
C MET A 275 18.39 0.61 -11.67
N SER A 276 18.20 1.43 -10.64
CA SER A 276 17.53 0.99 -9.43
C SER A 276 16.76 2.17 -8.86
N LEU A 277 15.46 2.00 -8.69
CA LEU A 277 14.62 3.07 -8.17
C LEU A 277 14.10 2.78 -6.76
N SER A 278 14.31 3.74 -5.86
CA SER A 278 13.77 3.64 -4.50
C SER A 278 13.17 4.98 -4.07
N GLU A 279 12.67 5.02 -2.85
CA GLU A 279 12.19 6.24 -2.23
C GLU A 279 13.33 7.26 -2.02
N HIS A 280 14.57 6.77 -2.02
CA HIS A 280 15.74 7.60 -1.74
C HIS A 280 16.33 8.23 -2.99
N ALA A 281 16.30 7.49 -4.09
CA ALA A 281 16.99 7.90 -5.32
C ALA A 281 16.81 6.91 -6.47
N LEU A 282 17.10 7.40 -7.67
CA LEU A 282 17.23 6.56 -8.85
C LEU A 282 18.73 6.48 -9.16
N SER A 283 19.26 5.25 -9.19
CA SER A 283 20.69 5.07 -9.41
C SER A 283 20.97 3.98 -10.41
N THR A 284 22.24 3.81 -10.75
CA THR A 284 22.68 2.74 -11.65
C THR A 284 22.93 1.49 -10.82
N ALA A 285 22.75 0.32 -11.43
CA ALA A 285 22.81 -0.95 -10.69
C ALA A 285 24.01 -1.07 -9.75
N GLY A 296 27.10 -3.53 -6.06
CA GLY A 296 28.16 -2.59 -5.77
C GLY A 296 27.75 -1.17 -6.09
N PRO A 297 28.34 -0.18 -5.40
CA PRO A 297 27.95 1.23 -5.50
C PRO A 297 27.76 1.68 -6.94
N GLY A 298 26.53 1.92 -7.33
CA GLY A 298 26.22 2.47 -8.64
C GLY A 298 26.38 3.98 -8.59
N ARG A 299 25.81 4.68 -9.56
CA ARG A 299 25.82 6.13 -9.56
C ARG A 299 24.42 6.65 -9.27
N VAL A 300 24.33 7.60 -8.35
CA VAL A 300 23.06 8.29 -8.11
C VAL A 300 22.80 9.28 -9.25
N LEU A 301 21.64 9.17 -9.86
CA LEU A 301 21.27 10.05 -10.97
C LEU A 301 20.59 11.29 -10.44
N PRO A 302 20.62 12.39 -11.21
CA PRO A 302 20.01 13.65 -10.77
C PRO A 302 18.51 13.67 -11.02
N THR A 303 17.72 13.80 -9.96
CA THR A 303 16.27 13.85 -10.11
C THR A 303 15.65 14.94 -9.25
N PRO A 304 15.84 16.21 -9.66
CA PRO A 304 15.25 17.38 -9.00
C PRO A 304 13.71 17.38 -9.02
N THR A 305 13.11 16.73 -10.00
CA THR A 305 11.66 16.68 -10.08
C THR A 305 11.21 15.28 -10.47
N GLU A 306 9.92 14.99 -10.26
CA GLU A 306 9.36 13.71 -10.65
C GLU A 306 9.60 13.46 -12.14
N LYS A 307 9.41 14.50 -12.95
CA LYS A 307 9.57 14.40 -14.40
C LYS A 307 10.94 13.86 -14.77
N ASP A 308 11.94 14.26 -14.00
CA ASP A 308 13.31 13.79 -14.21
C ASP A 308 13.40 12.27 -14.09
N VAL A 309 12.73 11.69 -13.10
CA VAL A 309 12.73 10.24 -12.98
C VAL A 309 12.10 9.60 -14.22
N PHE A 310 10.94 10.12 -14.62
CA PHE A 310 10.26 9.63 -15.82
C PHE A 310 11.13 9.73 -17.07
N ARG A 311 11.72 10.90 -17.30
CA ARG A 311 12.58 11.12 -18.45
C ARG A 311 13.72 10.12 -18.52
N LEU A 312 14.44 9.98 -17.40
CA LEU A 312 15.58 9.07 -17.35
C LEU A 312 15.21 7.60 -17.58
N LEU A 313 13.93 7.27 -17.41
CA LEU A 313 13.44 5.91 -17.63
C LEU A 313 12.86 5.77 -19.03
N GLY A 314 12.90 6.86 -19.79
CA GLY A 314 12.36 6.86 -21.14
C GLY A 314 10.84 6.90 -21.17
N LEU A 315 10.24 7.50 -20.16
CA LEU A 315 8.78 7.56 -20.10
C LEU A 315 8.21 8.96 -20.21
N PRO A 316 6.97 9.05 -20.72
CA PRO A 316 6.21 10.30 -20.68
C PRO A 316 5.79 10.58 -19.23
N TYR A 317 5.92 11.83 -18.79
CA TYR A 317 5.47 12.18 -17.45
C TYR A 317 3.99 11.79 -17.28
N ARG A 318 3.63 11.39 -16.07
CA ARG A 318 2.23 11.11 -15.74
C ARG A 318 1.80 11.92 -14.53
N GLU A 319 0.64 12.59 -14.62
CA GLU A 319 0.02 13.20 -13.46
C GLU A 319 -0.24 12.10 -12.44
N PRO A 320 -0.18 12.44 -11.16
CA PRO A 320 -0.49 11.44 -10.15
C PRO A 320 -1.75 10.64 -10.47
N ALA A 321 -2.79 11.29 -10.99
CA ALA A 321 -4.05 10.61 -11.29
C ALA A 321 -3.92 9.55 -12.39
N GLU A 322 -2.91 9.71 -13.24
CA GLU A 322 -2.63 8.71 -14.25
C GLU A 322 -1.75 7.59 -13.70
N ARG A 323 -1.50 7.60 -12.40
CA ARG A 323 -0.65 6.59 -11.79
C ARG A 323 -1.47 5.60 -10.97
N ASP A 324 -2.79 5.67 -11.13
CA ASP A 324 -3.72 4.94 -10.27
C ASP A 324 -3.89 3.50 -10.74
N TRP A 325 -2.79 2.75 -10.78
CA TRP A 325 -2.79 1.38 -11.27
C TRP A 325 -3.22 0.36 -10.23
#